data_3MGB
#
_entry.id   3MGB
#
_cell.length_a   78.001
_cell.length_b   78.344
_cell.length_c   99.741
_cell.angle_alpha   90.00
_cell.angle_beta   90.00
_cell.angle_gamma   90.00
#
_symmetry.space_group_name_H-M   'P 21 21 21'
#
loop_
_entity.id
_entity.type
_entity.pdbx_description
1 polymer TEG12
2 polymer 'TEICOPLANIN AGLYCONE'
3 non-polymer "3'-PHOSPHATE-ADENOSINE-5'-DIPHOSPHATE"
4 non-polymer 'ACETATE ION'
5 non-polymer 'CHLORIDE ION'
6 water water
#
loop_
_entity_poly.entity_id
_entity_poly.type
_entity_poly.pdbx_seq_one_letter_code
_entity_poly.pdbx_strand_id
1 'polypeptide(L)'
;MGSSHHHHHHSSGLVPRGSHMASMTGGQQMGRGSMNGIRWIASYPKAGNTWVRCMLAAYITGKAPQVWNDIDAESLTLEA
MLRFGDLPPAEPMEPVLVKTHLKADVPVLGLYGEATAKVLYLVRNPRDMLLSSMRMASISRDDVEKSRDFARKFIANEGL
GWNALGAGGGVGLGSWPENVRSWTESSSDRFPNADVLTMRYEDLKGDPVARFSEIVEFLDLGGPVDIEDIRRAVAASTLE
RMRELEKRSEQQGGGSPIRHGDARMMKGGPGGARPQFVGEGRYDQSLSFLGEDIESDYQELLHGDSGFALYAKQYGYAG
;
A,B
2 'polypeptide(L)' (GHP)(3MY)(3FG)(GHP)(GHP)(OMY)(3FG) C,D
#
loop_
_chem_comp.id
_chem_comp.type
_chem_comp.name
_chem_comp.formula
ACT non-polymer 'ACETATE ION' 'C2 H3 O2 -1'
CL non-polymer 'CHLORIDE ION' 'Cl -1'
PAP non-polymer 3'-PHOSPHATE-ADENOSINE-5'-DIPHOSPHATE 'C10 H16 N5 O13 P3'
#
# COMPACT_ATOMS: atom_id res chain seq x y z
N SER A 3 -25.82 13.51 42.84
CA SER A 3 -24.74 12.57 42.56
C SER A 3 -25.29 11.22 42.10
N SER A 4 -25.94 11.21 40.93
CA SER A 4 -26.44 9.97 40.35
C SER A 4 -25.41 9.39 39.40
N HIS A 5 -25.22 8.08 39.49
CA HIS A 5 -24.21 7.40 38.71
C HIS A 5 -24.81 6.52 37.62
N HIS A 6 -23.95 5.94 36.79
CA HIS A 6 -24.37 4.97 35.79
C HIS A 6 -25.20 5.62 34.70
N HIS A 7 -24.59 6.60 34.05
CA HIS A 7 -25.15 7.24 32.88
C HIS A 7 -24.10 7.19 31.79
N HIS A 8 -24.49 7.45 30.55
CA HIS A 8 -23.50 7.61 29.50
C HIS A 8 -23.46 9.06 29.04
N HIS A 9 -22.26 9.50 28.69
CA HIS A 9 -22.05 10.82 28.14
C HIS A 9 -22.79 10.95 26.82
N HIS A 10 -23.33 12.15 26.57
CA HIS A 10 -24.03 12.37 25.32
C HIS A 10 -23.12 13.19 24.40
N SER A 11 -22.54 12.53 23.41
CA SER A 11 -21.64 13.19 22.46
C SER A 11 -22.38 13.93 21.34
N SER A 12 -23.69 13.75 21.25
CA SER A 12 -24.45 14.38 20.17
C SER A 12 -25.10 15.69 20.61
N SER A 34 22.47 -11.52 15.75
CA SER A 34 23.18 -10.25 15.58
C SER A 34 22.42 -9.12 16.28
N MET A 35 23.11 -8.34 17.12
CA MET A 35 22.38 -7.38 17.94
C MET A 35 21.78 -6.21 17.16
N ASN A 36 22.50 -5.71 16.17
CA ASN A 36 21.89 -4.77 15.23
C ASN A 36 21.33 -5.53 14.04
N GLY A 37 20.31 -4.99 13.40
CA GLY A 37 19.76 -5.63 12.22
C GLY A 37 18.27 -5.79 12.30
N ILE A 38 17.67 -6.17 11.18
CA ILE A 38 16.22 -6.25 11.08
C ILE A 38 15.71 -7.40 11.92
N ARG A 39 14.67 -7.13 12.70
CA ARG A 39 13.88 -8.16 13.33
C ARG A 39 12.52 -8.18 12.65
N TRP A 40 12.24 -9.22 11.87
CA TRP A 40 10.93 -9.36 11.25
C TRP A 40 9.90 -9.89 12.25
N ILE A 41 8.78 -9.19 12.35
CA ILE A 41 7.63 -9.72 13.04
C ILE A 41 6.69 -10.18 11.93
N ALA A 42 6.85 -11.43 11.52
CA ALA A 42 6.16 -11.89 10.33
C ALA A 42 5.03 -12.82 10.72
N SER A 43 3.96 -12.77 9.94
CA SER A 43 2.83 -13.64 10.18
C SER A 43 1.85 -13.55 9.04
N TYR A 44 1.03 -14.59 8.93
CA TYR A 44 -0.11 -14.59 8.02
C TYR A 44 -1.13 -13.63 8.63
N PRO A 45 -1.98 -13.02 7.81
CA PRO A 45 -2.93 -12.08 8.43
C PRO A 45 -3.77 -12.71 9.55
N LYS A 46 -4.03 -11.93 10.59
CA LYS A 46 -4.95 -12.24 11.68
C LYS A 46 -4.40 -13.24 12.70
N ALA A 47 -3.08 -13.31 12.80
CA ALA A 47 -2.42 -14.24 13.72
C ALA A 47 -2.00 -13.60 15.05
N GLY A 48 -2.47 -12.38 15.32
CA GLY A 48 -2.11 -11.70 16.55
C GLY A 48 -0.84 -10.85 16.47
N ASN A 49 -0.50 -10.42 15.26
CA ASN A 49 0.67 -9.59 15.02
C ASN A 49 0.58 -8.24 15.78
N THR A 50 -0.58 -7.59 15.72
CA THR A 50 -0.74 -6.28 16.34
C THR A 50 -0.66 -6.33 17.86
N TRP A 51 -1.20 -7.38 18.45
CA TRP A 51 -1.09 -7.60 19.89
C TRP A 51 0.38 -7.69 20.31
N VAL A 52 1.16 -8.50 19.62
CA VAL A 52 2.58 -8.64 19.91
C VAL A 52 3.31 -7.30 19.75
N ARG A 53 2.96 -6.55 18.71
CA ARG A 53 3.59 -5.26 18.50
C ARG A 53 3.17 -4.27 19.58
N CYS A 54 1.97 -4.46 20.12
CA CYS A 54 1.51 -3.60 21.19
C CYS A 54 2.31 -3.89 22.44
N MET A 55 2.54 -5.17 22.72
CA MET A 55 3.34 -5.56 23.88
C MET A 55 4.78 -5.09 23.73
N LEU A 56 5.30 -5.17 22.51
CA LEU A 56 6.64 -4.65 22.24
C LEU A 56 6.72 -3.15 22.49
N ALA A 57 5.77 -2.38 21.97
CA ALA A 57 5.77 -0.96 22.20
C ALA A 57 5.69 -0.63 23.70
N ALA A 58 4.79 -1.28 24.41
CA ALA A 58 4.63 -1.07 25.84
C ALA A 58 5.96 -1.39 26.52
N TYR A 59 6.57 -2.50 26.13
CA TYR A 59 7.81 -2.92 26.78
C TYR A 59 8.98 -2.00 26.45
N ILE A 60 9.12 -1.65 25.18
CA ILE A 60 10.21 -0.77 24.79
C ILE A 60 10.14 0.60 25.46
N THR A 61 8.94 1.18 25.53
CA THR A 61 8.77 2.54 26.03
C THR A 61 8.47 2.60 27.53
N GLY A 62 8.11 1.47 28.13
CA GLY A 62 7.69 1.45 29.51
C GLY A 62 6.41 2.25 29.74
N LYS A 63 5.73 2.59 28.65
CA LYS A 63 4.45 3.28 28.76
C LYS A 63 3.35 2.46 28.07
N ALA A 64 2.14 2.52 28.61
CA ALA A 64 0.99 1.88 27.99
C ALA A 64 0.58 2.61 26.70
N PRO A 65 0.61 1.90 25.56
CA PRO A 65 0.13 2.55 24.33
C PRO A 65 -1.31 2.99 24.51
N GLN A 66 -1.66 4.17 23.99
CA GLN A 66 -3.00 4.71 24.15
C GLN A 66 -3.74 4.74 22.81
N VAL A 67 -3.00 4.93 21.74
CA VAL A 67 -3.57 4.94 20.38
C VAL A 67 -2.70 4.14 19.44
N TRP A 68 -3.23 3.83 18.25
CA TRP A 68 -2.54 2.98 17.29
C TRP A 68 -1.14 3.50 16.95
N ASN A 69 -1.00 4.82 16.90
CA ASN A 69 0.27 5.42 16.55
C ASN A 69 1.37 5.13 17.57
N ASP A 70 1.00 4.97 18.84
CA ASP A 70 1.98 4.55 19.84
C ASP A 70 2.53 3.17 19.51
N ILE A 71 1.69 2.33 18.92
CA ILE A 71 2.16 1.00 18.57
C ILE A 71 3.08 1.14 17.35
N ASP A 72 2.62 1.88 16.34
CA ASP A 72 3.38 2.07 15.11
C ASP A 72 4.71 2.79 15.33
N ALA A 73 4.79 3.58 16.40
CA ALA A 73 6.01 4.33 16.67
C ALA A 73 7.20 3.44 17.03
N GLU A 74 6.95 2.20 17.43
CA GLU A 74 8.04 1.32 17.88
C GLU A 74 8.32 0.13 16.95
N SER A 75 7.53 -0.03 15.91
CA SER A 75 7.84 -1.04 14.90
C SER A 75 7.30 -0.63 13.53
N LEU A 76 8.10 -0.81 12.48
CA LEU A 76 7.72 -0.47 11.11
C LEU A 76 6.80 -1.53 10.51
N THR A 77 6.03 -1.13 9.50
CA THR A 77 5.21 -2.06 8.74
C THR A 77 5.70 -2.00 7.30
N LEU A 78 6.29 -3.09 6.84
CA LEU A 78 6.88 -3.09 5.52
C LEU A 78 5.89 -2.64 4.45
N GLU A 79 4.68 -3.21 4.43
CA GLU A 79 3.75 -2.90 3.35
C GLU A 79 3.35 -1.44 3.35
N ALA A 80 3.19 -0.87 4.55
CA ALA A 80 2.89 0.54 4.66
C ALA A 80 4.04 1.36 4.10
N MET A 81 5.26 0.99 4.45
CA MET A 81 6.42 1.74 3.99
C MET A 81 6.46 1.69 2.47
N LEU A 82 6.27 0.49 1.91
CA LEU A 82 6.34 0.29 0.46
C LEU A 82 5.38 1.19 -0.29
N ARG A 83 4.23 1.45 0.32
CA ARG A 83 3.21 2.31 -0.26
C ARG A 83 3.73 3.70 -0.63
N PHE A 84 4.81 4.13 0.04
CA PHE A 84 5.40 5.45 -0.19
C PHE A 84 6.80 5.35 -0.79
N GLY A 85 7.19 4.14 -1.18
CA GLY A 85 8.50 3.94 -1.75
C GLY A 85 9.57 3.93 -0.68
N ASP A 86 9.17 3.69 0.57
CA ASP A 86 10.11 3.67 1.67
C ASP A 86 10.55 2.23 1.93
N LEU A 87 11.71 2.06 2.57
CA LEU A 87 12.30 0.76 2.85
C LEU A 87 12.98 0.77 4.21
N PRO A 88 12.94 -0.36 4.94
CA PRO A 88 13.76 -0.44 6.15
C PRO A 88 15.22 -0.33 5.78
N PRO A 89 16.06 0.23 6.68
CA PRO A 89 17.49 0.41 6.42
C PRO A 89 18.14 -0.92 6.07
N ALA A 90 19.00 -0.94 5.06
CA ALA A 90 19.66 -2.17 4.67
C ALA A 90 20.92 -2.43 5.49
N GLU A 91 21.37 -1.42 6.22
CA GLU A 91 22.51 -1.57 7.13
C GLU A 91 22.24 -0.89 8.47
N PRO A 92 21.26 -1.38 9.24
CA PRO A 92 20.89 -0.66 10.46
C PRO A 92 22.01 -0.67 11.51
N MET A 93 22.11 0.42 12.27
CA MET A 93 23.04 0.51 13.38
C MET A 93 22.32 0.31 14.72
N GLU A 94 21.19 -0.41 14.66
CA GLU A 94 20.33 -0.62 15.81
C GLU A 94 19.42 -1.81 15.48
N PRO A 95 18.76 -2.38 16.50
CA PRO A 95 17.69 -3.35 16.23
C PRO A 95 16.56 -2.62 15.56
N VAL A 96 15.98 -3.18 14.50
CA VAL A 96 14.86 -2.55 13.83
C VAL A 96 13.75 -3.56 13.68
N LEU A 97 12.61 -3.25 14.29
CA LEU A 97 11.46 -4.13 14.25
C LEU A 97 10.62 -3.81 13.02
N VAL A 98 10.38 -4.82 12.19
CA VAL A 98 9.54 -4.63 11.01
C VAL A 98 8.50 -5.74 10.85
N LYS A 99 7.25 -5.33 10.77
CA LYS A 99 6.15 -6.25 10.55
C LYS A 99 5.97 -6.49 9.07
N THR A 100 5.65 -7.73 8.69
CA THR A 100 5.14 -7.96 7.33
C THR A 100 4.25 -9.19 7.32
N HIS A 101 3.34 -9.25 6.35
CA HIS A 101 2.61 -10.48 6.04
C HIS A 101 3.12 -11.09 4.75
N LEU A 102 4.00 -10.40 4.04
CA LEU A 102 4.51 -10.96 2.78
C LEU A 102 5.28 -12.25 2.99
N LYS A 103 5.16 -13.16 2.03
CA LYS A 103 6.00 -14.35 1.99
C LYS A 103 7.44 -13.89 2.02
N ALA A 104 8.27 -14.69 2.70
CA ALA A 104 9.68 -14.36 2.88
C ALA A 104 10.47 -14.35 1.59
N ASP A 105 9.94 -14.94 0.54
CA ASP A 105 10.70 -14.99 -0.71
C ASP A 105 10.30 -13.93 -1.75
N VAL A 106 9.51 -12.93 -1.37
CA VAL A 106 9.24 -11.83 -2.30
C VAL A 106 10.53 -11.06 -2.56
N PRO A 107 10.68 -10.48 -3.76
CA PRO A 107 11.94 -9.80 -4.08
C PRO A 107 12.32 -8.67 -3.12
N VAL A 108 11.35 -7.94 -2.56
CA VAL A 108 11.71 -6.91 -1.60
C VAL A 108 12.48 -7.48 -0.40
N LEU A 109 12.08 -8.67 0.05
CA LEU A 109 12.71 -9.27 1.24
C LEU A 109 14.13 -9.75 0.94
N GLY A 110 14.39 -10.09 -0.31
CA GLY A 110 15.73 -10.48 -0.71
C GLY A 110 16.76 -9.38 -0.51
N LEU A 111 16.32 -8.14 -0.36
CA LEU A 111 17.26 -7.05 -0.07
C LEU A 111 17.84 -7.16 1.34
N TYR A 112 17.20 -7.97 2.17
CA TYR A 112 17.55 -8.06 3.59
C TYR A 112 18.13 -9.40 3.94
N GLY A 113 18.63 -10.09 2.92
CA GLY A 113 19.18 -11.42 3.11
C GLY A 113 20.21 -11.42 4.23
N GLU A 114 21.11 -10.44 4.20
CA GLU A 114 22.23 -10.37 5.13
C GLU A 114 21.95 -9.50 6.34
N ALA A 115 21.14 -8.47 6.15
CA ALA A 115 20.87 -7.52 7.23
C ALA A 115 19.91 -8.07 8.27
N THR A 116 19.32 -9.23 8.00
CA THR A 116 18.30 -9.78 8.90
C THR A 116 18.96 -10.50 10.06
N ALA A 117 18.57 -10.13 11.28
CA ALA A 117 19.16 -10.73 12.48
C ALA A 117 18.19 -11.67 13.20
N LYS A 118 16.89 -11.39 13.12
CA LYS A 118 15.89 -12.20 13.78
C LYS A 118 14.65 -12.36 12.93
N VAL A 119 14.09 -13.56 12.94
CA VAL A 119 12.75 -13.76 12.41
C VAL A 119 11.84 -14.24 13.53
N LEU A 120 10.84 -13.44 13.87
CA LEU A 120 9.82 -13.91 14.76
C LEU A 120 8.63 -14.16 13.88
N TYR A 121 8.22 -15.43 13.81
CA TYR A 121 7.08 -15.81 12.99
C TYR A 121 5.94 -16.25 13.91
N LEU A 122 4.82 -15.55 13.80
CA LEU A 122 3.66 -15.83 14.64
C LEU A 122 2.69 -16.71 13.84
N VAL A 123 2.26 -17.84 14.43
CA VAL A 123 1.30 -18.69 13.75
C VAL A 123 0.04 -18.79 14.57
N ARG A 124 -1.08 -19.05 13.91
CA ARG A 124 -2.35 -19.15 14.62
C ARG A 124 -3.25 -20.14 13.91
N ASN A 125 -4.15 -20.75 14.68
CA ASN A 125 -5.14 -21.66 14.14
C ASN A 125 -5.87 -21.05 12.93
N PRO A 126 -5.75 -21.69 11.75
CA PRO A 126 -6.41 -21.18 10.54
C PRO A 126 -7.92 -21.02 10.70
N ARG A 127 -8.57 -21.80 11.55
CA ARG A 127 -9.99 -21.59 11.81
C ARG A 127 -10.23 -20.18 12.27
N ASP A 128 -9.35 -19.72 13.14
CA ASP A 128 -9.56 -18.46 13.81
C ASP A 128 -9.13 -17.32 12.89
N MET A 129 -8.07 -17.54 12.11
CA MET A 129 -7.68 -16.57 11.10
C MET A 129 -8.81 -16.40 10.08
N LEU A 130 -9.40 -17.51 9.68
CA LEU A 130 -10.50 -17.49 8.72
C LEU A 130 -11.61 -16.60 9.25
N LEU A 131 -12.07 -16.87 10.46
CA LEU A 131 -13.18 -16.12 11.02
C LEU A 131 -12.84 -14.67 11.28
N SER A 132 -11.59 -14.42 11.68
CA SER A 132 -11.14 -13.04 11.92
C SER A 132 -11.13 -12.22 10.63
N SER A 133 -10.50 -12.78 9.60
CA SER A 133 -10.49 -12.21 8.26
C SER A 133 -11.89 -11.95 7.76
N MET A 134 -12.79 -12.90 8.00
CA MET A 134 -14.15 -12.74 7.54
C MET A 134 -14.77 -11.49 8.15
N ARG A 135 -14.62 -11.33 9.47
CA ARG A 135 -15.16 -10.15 10.15
C ARG A 135 -14.53 -8.89 9.55
N MET A 136 -13.23 -8.91 9.33
CA MET A 136 -12.54 -7.73 8.84
C MET A 136 -12.96 -7.44 7.41
N ALA A 137 -13.49 -8.43 6.71
CA ALA A 137 -13.98 -8.21 5.34
C ALA A 137 -15.42 -7.70 5.36
N SER A 138 -15.92 -7.39 6.55
CA SER A 138 -17.26 -6.88 6.76
C SER A 138 -18.32 -7.93 6.41
N ILE A 139 -17.96 -9.20 6.57
CA ILE A 139 -18.92 -10.26 6.37
C ILE A 139 -19.41 -10.74 7.72
N SER A 140 -20.69 -10.48 7.99
CA SER A 140 -21.32 -10.90 9.23
C SER A 140 -21.77 -12.35 9.14
N ARG A 141 -21.66 -13.06 10.26
CA ARG A 141 -22.11 -14.45 10.35
C ARG A 141 -23.61 -14.55 10.08
N ASP A 142 -24.29 -13.41 10.06
CA ASP A 142 -25.71 -13.32 9.71
C ASP A 142 -25.87 -13.39 8.20
N ASP A 143 -24.85 -12.96 7.47
CA ASP A 143 -24.89 -13.04 6.02
C ASP A 143 -24.45 -14.43 5.60
N VAL A 144 -25.43 -15.33 5.50
CA VAL A 144 -25.17 -16.75 5.29
C VAL A 144 -24.41 -16.97 4.00
N GLU A 145 -24.89 -16.35 2.93
CA GLU A 145 -24.29 -16.52 1.62
C GLU A 145 -22.85 -16.03 1.56
N LYS A 146 -22.62 -14.80 1.99
CA LYS A 146 -21.29 -14.22 1.97
C LYS A 146 -20.30 -14.95 2.89
N SER A 147 -20.77 -15.33 4.07
CA SER A 147 -19.89 -16.02 5.01
C SER A 147 -19.59 -17.43 4.51
N ARG A 148 -20.58 -18.13 4.00
CA ARG A 148 -20.32 -19.43 3.40
C ARG A 148 -19.32 -19.28 2.25
N ASP A 149 -19.61 -18.36 1.33
CA ASP A 149 -18.69 -18.11 0.21
C ASP A 149 -17.25 -17.87 0.73
N PHE A 150 -17.13 -17.03 1.75
CA PHE A 150 -15.81 -16.66 2.24
C PHE A 150 -15.07 -17.87 2.77
N ALA A 151 -15.76 -18.66 3.58
CA ALA A 151 -15.15 -19.79 4.24
C ALA A 151 -14.74 -20.83 3.23
N ARG A 152 -15.57 -21.05 2.22
CA ARG A 152 -15.25 -22.08 1.23
C ARG A 152 -14.07 -21.66 0.36
N LYS A 153 -13.97 -20.37 0.07
CA LYS A 153 -12.82 -19.84 -0.66
C LYS A 153 -11.53 -20.05 0.13
N PHE A 154 -11.59 -19.76 1.44
CA PHE A 154 -10.47 -19.99 2.33
C PHE A 154 -9.99 -21.44 2.30
N ILE A 155 -10.93 -22.37 2.46
CA ILE A 155 -10.60 -23.79 2.38
C ILE A 155 -10.07 -24.20 1.00
N ALA A 156 -10.75 -23.75 -0.04
CA ALA A 156 -10.36 -24.08 -1.40
C ALA A 156 -8.94 -23.62 -1.68
N ASN A 157 -8.58 -22.46 -1.13
CA ASN A 157 -7.30 -21.84 -1.45
C ASN A 157 -6.28 -22.00 -0.34
N GLU A 158 -6.62 -22.76 0.68
CA GLU A 158 -5.69 -23.00 1.78
C GLU A 158 -5.23 -21.69 2.38
N GLY A 159 -6.14 -20.71 2.41
CA GLY A 159 -5.81 -19.45 3.04
C GLY A 159 -6.41 -18.26 2.35
N LEU A 160 -5.74 -17.12 2.46
CA LEU A 160 -6.28 -15.84 2.03
C LEU A 160 -5.60 -15.27 0.80
N GLY A 161 -4.70 -16.04 0.19
CA GLY A 161 -3.94 -15.55 -0.95
C GLY A 161 -4.74 -15.49 -2.22
N TRP A 162 -6.05 -15.74 -2.12
CA TRP A 162 -6.96 -15.62 -3.25
C TRP A 162 -7.44 -14.18 -3.36
N ASN A 163 -7.58 -13.54 -2.21
CA ASN A 163 -8.04 -12.17 -2.15
C ASN A 163 -7.04 -11.23 -2.82
N ALA A 164 -7.35 -10.83 -4.06
CA ALA A 164 -6.47 -9.94 -4.80
C ALA A 164 -6.37 -8.56 -4.16
N LEU A 165 -7.33 -8.24 -3.29
CA LEU A 165 -7.38 -6.92 -2.66
C LEU A 165 -6.71 -6.89 -1.27
N GLY A 166 -6.45 -8.07 -0.70
CA GLY A 166 -5.87 -8.15 0.62
C GLY A 166 -4.37 -7.92 0.63
N ALA A 167 -3.72 -8.24 1.74
CA ALA A 167 -2.28 -8.05 1.86
C ALA A 167 -1.52 -8.82 0.79
N GLY A 168 -0.40 -8.26 0.33
CA GLY A 168 0.42 -8.88 -0.68
C GLY A 168 -0.29 -9.12 -2.00
N GLY A 169 -1.46 -8.51 -2.16
CA GLY A 169 -2.27 -8.71 -3.36
C GLY A 169 -2.70 -10.16 -3.49
N GLY A 170 -2.71 -10.86 -2.36
CA GLY A 170 -2.97 -12.28 -2.36
C GLY A 170 -1.72 -13.05 -2.76
N VAL A 171 -1.25 -12.80 -3.97
CA VAL A 171 -0.06 -13.45 -4.51
C VAL A 171 1.19 -13.29 -3.63
N GLY A 172 1.36 -12.12 -3.03
CA GLY A 172 2.51 -11.82 -2.21
C GLY A 172 2.41 -12.44 -0.82
N LEU A 173 1.20 -12.87 -0.49
CA LEU A 173 0.91 -13.42 0.82
C LEU A 173 1.08 -14.92 0.72
N GLY A 174 0.63 -15.47 -0.41
CA GLY A 174 0.58 -16.91 -0.60
C GLY A 174 -0.55 -17.52 0.21
N SER A 175 -0.71 -18.83 0.07
CA SER A 175 -1.60 -19.58 0.94
C SER A 175 -0.94 -19.65 2.32
N TRP A 176 -1.67 -20.17 3.30
CA TRP A 176 -1.10 -20.29 4.62
C TRP A 176 0.18 -21.14 4.65
N PRO A 177 0.15 -22.36 4.07
CA PRO A 177 1.36 -23.19 4.09
C PRO A 177 2.51 -22.54 3.33
N GLU A 178 2.22 -21.86 2.23
CA GLU A 178 3.27 -21.16 1.48
C GLU A 178 3.90 -20.07 2.34
N ASN A 179 3.07 -19.32 3.04
CA ASN A 179 3.59 -18.28 3.91
C ASN A 179 4.41 -18.91 5.04
N VAL A 180 3.84 -19.91 5.70
CA VAL A 180 4.54 -20.57 6.80
C VAL A 180 5.88 -21.13 6.34
N ARG A 181 5.87 -21.85 5.23
CA ARG A 181 7.09 -22.48 4.72
C ARG A 181 8.16 -21.44 4.44
N SER A 182 7.77 -20.34 3.80
CA SER A 182 8.72 -19.32 3.39
C SER A 182 9.45 -18.74 4.60
N TRP A 183 8.74 -18.53 5.70
CA TRP A 183 9.33 -17.87 6.86
C TRP A 183 10.03 -18.85 7.80
N THR A 184 9.60 -20.11 7.84
CA THR A 184 10.10 -21.03 8.85
C THR A 184 11.10 -22.07 8.35
N GLU A 185 11.29 -22.14 7.03
CA GLU A 185 12.12 -23.21 6.49
C GLU A 185 13.24 -22.74 5.57
N SER A 186 14.36 -23.44 5.63
CA SER A 186 15.57 -23.05 4.89
C SER A 186 15.95 -21.62 5.24
N SER A 187 15.90 -21.30 6.52
CA SER A 187 16.18 -19.96 7.03
C SER A 187 17.66 -19.62 6.98
N SER A 188 18.50 -20.65 6.96
CA SER A 188 19.95 -20.46 6.81
C SER A 188 20.28 -20.05 5.38
N ASP A 189 19.35 -20.29 4.46
CA ASP A 189 19.54 -19.91 3.06
C ASP A 189 19.06 -18.49 2.82
N ARG A 190 17.83 -18.22 3.25
CA ARG A 190 17.19 -16.94 3.00
C ARG A 190 17.78 -15.83 3.88
N PHE A 191 17.98 -16.13 5.15
CA PHE A 191 18.51 -15.18 6.10
C PHE A 191 19.64 -15.83 6.87
N PRO A 192 20.82 -15.95 6.23
CA PRO A 192 21.94 -16.72 6.77
C PRO A 192 22.36 -16.26 8.16
N ASN A 193 22.16 -14.99 8.47
CA ASN A 193 22.68 -14.42 9.72
C ASN A 193 21.62 -14.31 10.82
N ALA A 194 20.43 -14.86 10.56
CA ALA A 194 19.32 -14.71 11.51
C ALA A 194 19.04 -15.95 12.36
N ASP A 195 18.53 -15.69 13.57
CA ASP A 195 17.87 -16.72 14.35
C ASP A 195 16.38 -16.64 14.04
N VAL A 196 15.70 -17.77 14.13
CA VAL A 196 14.29 -17.85 13.82
C VAL A 196 13.58 -18.44 15.01
N LEU A 197 12.44 -17.85 15.37
CA LEU A 197 11.59 -18.37 16.44
C LEU A 197 10.18 -18.31 15.93
N THR A 198 9.47 -19.42 16.04
CA THR A 198 8.05 -19.45 15.70
C THR A 198 7.25 -19.51 16.99
N MET A 199 6.22 -18.68 17.09
CA MET A 199 5.44 -18.59 18.33
C MET A 199 3.97 -18.70 18.00
N ARG A 200 3.27 -19.62 18.67
CA ARG A 200 1.84 -19.76 18.45
C ARG A 200 1.07 -18.71 19.23
N TYR A 201 0.12 -18.08 18.54
CA TYR A 201 -0.79 -17.14 19.17
C TYR A 201 -1.40 -17.78 20.40
N GLU A 202 -1.80 -19.04 20.27
CA GLU A 202 -2.45 -19.75 21.36
C GLU A 202 -1.53 -19.89 22.57
N ASP A 203 -0.23 -19.99 22.32
CA ASP A 203 0.69 -20.15 23.45
C ASP A 203 0.83 -18.83 24.20
N LEU A 204 0.86 -17.73 23.45
CA LEU A 204 0.80 -16.40 24.05
C LEU A 204 -0.44 -16.18 24.89
N LYS A 205 -1.60 -16.56 24.38
CA LYS A 205 -2.84 -16.45 25.15
C LYS A 205 -2.72 -17.26 26.43
N GLY A 206 -2.08 -18.41 26.33
CA GLY A 206 -2.00 -19.34 27.45
C GLY A 206 -1.24 -18.76 28.63
N ASP A 207 -0.07 -18.18 28.35
CA ASP A 207 0.80 -17.63 29.37
C ASP A 207 1.55 -16.44 28.77
N PRO A 208 0.86 -15.29 28.66
CA PRO A 208 1.35 -14.08 27.99
C PRO A 208 2.70 -13.66 28.54
N VAL A 209 2.85 -13.64 29.86
CA VAL A 209 4.12 -13.18 30.45
C VAL A 209 5.30 -14.10 30.10
N ALA A 210 5.13 -15.40 30.28
CA ALA A 210 6.21 -16.33 29.96
C ALA A 210 6.57 -16.31 28.46
N ARG A 211 5.57 -16.36 27.60
CA ARG A 211 5.80 -16.39 26.16
C ARG A 211 6.30 -15.04 25.64
N PHE A 212 5.71 -13.95 26.09
CA PHE A 212 6.25 -12.65 25.67
C PHE A 212 7.67 -12.43 26.16
N SER A 213 8.00 -12.92 27.35
CA SER A 213 9.38 -12.76 27.79
C SER A 213 10.32 -13.58 26.90
N GLU A 214 9.87 -14.74 26.43
CA GLU A 214 10.64 -15.50 25.45
C GLU A 214 10.79 -14.73 24.13
N ILE A 215 9.74 -14.05 23.67
CA ILE A 215 9.83 -13.20 22.49
C ILE A 215 10.88 -12.09 22.69
N VAL A 216 10.76 -11.37 23.80
CA VAL A 216 11.70 -10.30 24.09
C VAL A 216 13.14 -10.78 24.21
N GLU A 217 13.36 -11.89 24.91
CA GLU A 217 14.70 -12.47 25.02
C GLU A 217 15.21 -12.85 23.64
N PHE A 218 14.37 -13.52 22.85
CA PHE A 218 14.75 -13.89 21.49
C PHE A 218 15.11 -12.69 20.60
N LEU A 219 14.28 -11.65 20.61
CA LEU A 219 14.54 -10.48 19.76
C LEU A 219 15.83 -9.78 20.16
N ASP A 220 16.26 -10.02 21.39
CA ASP A 220 17.53 -9.48 21.88
C ASP A 220 17.67 -8.00 21.60
N LEU A 221 16.80 -7.21 22.20
CA LEU A 221 16.76 -5.77 21.94
C LEU A 221 17.68 -5.06 22.91
N GLY A 222 18.20 -5.83 23.86
CA GLY A 222 19.26 -5.34 24.71
C GLY A 222 18.98 -5.41 26.18
N GLY A 223 19.79 -6.17 26.87
CA GLY A 223 19.82 -6.11 28.32
C GLY A 223 18.85 -7.10 28.93
N PRO A 224 19.00 -7.35 30.23
CA PRO A 224 18.15 -8.29 30.96
C PRO A 224 16.66 -8.05 30.70
N VAL A 225 15.92 -9.12 30.47
CA VAL A 225 14.47 -9.02 30.42
C VAL A 225 13.95 -8.93 31.85
N ASP A 226 13.43 -7.77 32.23
CA ASP A 226 12.84 -7.61 33.55
C ASP A 226 11.43 -8.15 33.52
N ILE A 227 11.19 -9.24 34.24
CA ILE A 227 9.86 -9.84 34.26
C ILE A 227 8.78 -8.86 34.71
N GLU A 228 9.15 -7.86 35.52
CA GLU A 228 8.18 -6.85 35.92
C GLU A 228 7.83 -5.95 34.74
N ASP A 229 8.81 -5.59 33.93
CA ASP A 229 8.56 -4.83 32.71
C ASP A 229 7.70 -5.65 31.75
N ILE A 230 7.98 -6.95 31.69
CA ILE A 230 7.20 -7.84 30.83
C ILE A 230 5.75 -7.85 31.31
N ARG A 231 5.57 -7.98 32.63
CA ARG A 231 4.22 -8.08 33.17
C ARG A 231 3.41 -6.82 32.88
N ARG A 232 4.03 -5.66 33.09
CA ARG A 232 3.41 -4.39 32.79
C ARG A 232 3.08 -4.25 31.28
N ALA A 233 3.99 -4.71 30.43
CA ALA A 233 3.76 -4.61 28.99
C ALA A 233 2.57 -5.47 28.59
N VAL A 234 2.47 -6.66 29.16
CA VAL A 234 1.35 -7.55 28.93
C VAL A 234 0.06 -6.91 29.47
N ALA A 235 0.11 -6.39 30.68
CA ALA A 235 -1.05 -5.74 31.27
C ALA A 235 -1.53 -4.54 30.43
N ALA A 236 -0.59 -3.85 29.81
CA ALA A 236 -0.91 -2.70 28.96
C ALA A 236 -1.55 -3.09 27.62
N SER A 237 -1.50 -4.38 27.28
CA SER A 237 -1.87 -4.83 25.94
C SER A 237 -2.92 -5.93 25.96
N THR A 238 -3.68 -6.02 27.05
CA THR A 238 -4.76 -6.99 27.10
C THR A 238 -5.85 -6.63 26.11
N LEU A 239 -6.75 -7.58 25.86
CA LEU A 239 -7.87 -7.31 24.97
C LEU A 239 -8.60 -6.05 25.43
N GLU A 240 -8.85 -5.95 26.74
CA GLU A 240 -9.53 -4.79 27.32
C GLU A 240 -8.79 -3.47 27.06
N ARG A 241 -7.48 -3.45 27.26
CA ARG A 241 -6.71 -2.24 27.03
C ARG A 241 -6.72 -1.91 25.54
N MET A 242 -6.63 -2.94 24.71
CA MET A 242 -6.58 -2.69 23.27
C MET A 242 -7.93 -2.32 22.68
N ARG A 243 -9.03 -2.79 23.28
CA ARG A 243 -10.36 -2.27 22.91
C ARG A 243 -10.46 -0.78 23.22
N GLU A 244 -9.95 -0.37 24.38
CA GLU A 244 -9.96 1.05 24.74
C GLU A 244 -9.13 1.81 23.73
N LEU A 245 -7.97 1.26 23.40
CA LEU A 245 -7.09 1.85 22.41
C LEU A 245 -7.81 2.08 21.08
N GLU A 246 -8.53 1.06 20.62
CA GLU A 246 -9.26 1.17 19.36
C GLU A 246 -10.33 2.26 19.40
N LYS A 247 -11.07 2.34 20.50
CA LYS A 247 -12.15 3.30 20.61
C LYS A 247 -11.58 4.72 20.69
N ARG A 248 -10.45 4.83 21.38
CA ARG A 248 -9.80 6.09 21.73
C ARG A 248 -9.09 6.67 20.50
N SER A 249 -8.46 5.81 19.71
CA SER A 249 -7.82 6.25 18.50
C SER A 249 -8.88 6.84 17.56
N GLY A 254 -4.98 9.69 16.29
CA GLY A 254 -4.75 8.38 16.90
C GLY A 254 -4.16 7.34 15.96
N GLY A 255 -4.55 7.40 14.68
CA GLY A 255 -4.07 6.45 13.69
C GLY A 255 -5.09 5.35 13.41
N SER A 256 -4.65 4.29 12.76
CA SER A 256 -5.51 3.15 12.46
C SER A 256 -4.75 1.83 12.59
N PRO A 257 -5.50 0.71 12.62
CA PRO A 257 -4.89 -0.63 12.63
C PRO A 257 -4.48 -1.05 11.23
N ILE A 258 -4.81 -0.25 10.22
CA ILE A 258 -4.44 -0.52 8.85
C ILE A 258 -3.92 0.75 8.15
N MET A 265 -13.59 9.64 13.13
CA MET A 265 -14.69 10.59 13.26
C MET A 265 -15.94 9.87 13.74
N MET A 266 -16.03 9.64 15.05
CA MET A 266 -16.99 8.70 15.61
C MET A 266 -18.47 8.94 15.31
N LYS A 267 -19.12 7.84 14.96
CA LYS A 267 -20.54 7.82 14.62
C LYS A 267 -20.91 8.82 13.53
N GLY A 268 -20.50 8.48 12.30
CA GLY A 268 -21.09 9.06 11.12
C GLY A 268 -22.35 8.26 10.89
N GLY A 269 -22.79 8.15 9.64
CA GLY A 269 -23.95 7.33 9.34
C GLY A 269 -23.60 5.86 9.28
N PRO A 270 -24.58 5.03 8.86
CA PRO A 270 -24.41 3.58 8.71
C PRO A 270 -23.11 3.25 7.97
N GLY A 271 -22.85 3.96 6.89
CA GLY A 271 -21.72 3.67 6.03
C GLY A 271 -20.39 3.95 6.68
N GLY A 272 -20.41 4.63 7.82
CA GLY A 272 -19.21 4.96 8.55
C GLY A 272 -18.75 3.86 9.50
N ALA A 273 -19.56 2.82 9.67
CA ALA A 273 -19.17 1.72 10.54
C ALA A 273 -18.02 0.92 9.92
N ARG A 274 -17.15 0.41 10.78
CA ARG A 274 -16.02 -0.41 10.35
C ARG A 274 -15.92 -1.60 11.29
N PRO A 275 -15.46 -2.74 10.77
CA PRO A 275 -15.32 -3.95 11.58
C PRO A 275 -14.40 -3.70 12.78
N GLN A 276 -14.73 -4.31 13.90
CA GLN A 276 -13.95 -4.19 15.12
C GLN A 276 -12.61 -4.88 14.96
N PHE A 277 -11.52 -4.14 15.10
CA PHE A 277 -10.22 -4.78 14.96
C PHE A 277 -9.92 -5.69 16.14
N VAL A 278 -10.14 -5.19 17.35
CA VAL A 278 -9.88 -6.00 18.53
C VAL A 278 -11.16 -6.78 18.82
N GLY A 279 -11.12 -8.08 18.56
CA GLY A 279 -12.27 -8.94 18.77
C GLY A 279 -12.18 -9.70 20.09
N GLU A 280 -12.43 -11.00 20.06
CA GLU A 280 -12.44 -11.79 21.28
C GLU A 280 -11.18 -12.63 21.41
N GLY A 281 -10.41 -12.73 20.33
CA GLY A 281 -9.23 -13.58 20.34
C GLY A 281 -9.49 -15.05 20.64
N ARG A 282 -10.51 -15.63 20.02
CA ARG A 282 -10.88 -17.00 20.35
C ARG A 282 -9.99 -18.08 19.75
N TYR A 283 -10.14 -19.29 20.27
CA TYR A 283 -9.31 -20.42 19.88
C TYR A 283 -10.11 -21.58 19.32
N ASP A 284 -9.63 -22.12 18.22
CA ASP A 284 -10.18 -23.33 17.63
C ASP A 284 -11.69 -23.24 17.43
N GLN A 285 -12.16 -22.11 16.92
CA GLN A 285 -13.58 -21.97 16.67
C GLN A 285 -14.11 -22.97 15.66
N SER A 286 -15.29 -23.49 15.96
CA SER A 286 -16.00 -24.38 15.08
C SER A 286 -16.52 -23.55 13.91
N LEU A 287 -16.56 -24.14 12.73
CA LEU A 287 -17.19 -23.51 11.58
C LEU A 287 -18.62 -24.01 11.40
N SER A 288 -19.07 -24.87 12.31
CA SER A 288 -20.41 -25.46 12.19
C SER A 288 -21.52 -24.42 11.96
N PHE A 289 -21.41 -23.26 12.60
CA PHE A 289 -22.48 -22.24 12.46
C PHE A 289 -22.67 -21.78 11.00
N LEU A 290 -21.65 -21.94 10.17
CA LEU A 290 -21.76 -21.66 8.73
C LEU A 290 -22.51 -22.76 8.00
N GLY A 291 -22.67 -23.89 8.67
CA GLY A 291 -23.19 -25.10 8.07
C GLY A 291 -22.25 -26.23 8.40
N GLU A 292 -22.80 -27.36 8.86
CA GLU A 292 -21.94 -28.47 9.25
C GLU A 292 -21.10 -28.94 8.09
N ASP A 293 -21.60 -28.75 6.87
CA ASP A 293 -20.87 -29.14 5.67
C ASP A 293 -19.54 -28.37 5.53
N ILE A 294 -19.55 -27.11 5.93
CA ILE A 294 -18.35 -26.29 5.88
C ILE A 294 -17.35 -26.82 6.90
N GLU A 295 -17.84 -27.14 8.09
CA GLU A 295 -16.98 -27.69 9.13
C GLU A 295 -16.40 -29.00 8.63
N SER A 296 -17.26 -29.82 8.02
CA SER A 296 -16.81 -31.09 7.44
C SER A 296 -15.77 -30.90 6.33
N ASP A 297 -16.00 -29.93 5.45
CA ASP A 297 -15.02 -29.58 4.41
C ASP A 297 -13.70 -29.16 5.04
N TYR A 298 -13.78 -28.35 6.10
CA TYR A 298 -12.58 -27.93 6.80
C TYR A 298 -11.80 -29.14 7.35
N GLN A 299 -12.52 -30.06 8.00
CA GLN A 299 -11.87 -31.25 8.54
C GLN A 299 -11.24 -32.07 7.44
N GLU A 300 -11.94 -32.17 6.32
CA GLU A 300 -11.42 -32.88 5.16
C GLU A 300 -10.04 -32.31 4.87
N LEU A 301 -9.97 -30.99 4.77
CA LEU A 301 -8.71 -30.29 4.55
C LEU A 301 -7.64 -30.63 5.61
N LEU A 302 -8.02 -30.53 6.89
CA LEU A 302 -7.10 -30.74 7.99
C LEU A 302 -6.41 -32.10 7.96
N HIS A 303 -7.14 -33.12 7.53
CA HIS A 303 -6.66 -34.50 7.62
C HIS A 303 -6.27 -35.05 6.26
N GLY A 304 -6.16 -34.18 5.26
CA GLY A 304 -5.67 -34.56 3.95
C GLY A 304 -4.15 -34.61 3.92
N ASP A 305 -3.58 -34.58 2.72
CA ASP A 305 -2.13 -34.66 2.56
C ASP A 305 -1.48 -33.39 2.01
N SER A 306 -2.19 -32.26 2.09
CA SER A 306 -1.65 -31.00 1.60
C SER A 306 -0.67 -30.39 2.62
N GLY A 307 0.09 -29.39 2.20
CA GLY A 307 0.95 -28.66 3.11
C GLY A 307 0.14 -28.02 4.23
N PHE A 308 -1.09 -27.64 3.91
CA PHE A 308 -1.97 -27.07 4.91
C PHE A 308 -2.16 -28.04 6.08
N ALA A 309 -2.47 -29.29 5.76
CA ALA A 309 -2.70 -30.30 6.79
C ALA A 309 -1.42 -30.57 7.59
N LEU A 310 -0.29 -30.61 6.87
CA LEU A 310 1.01 -30.84 7.49
C LEU A 310 1.32 -29.78 8.54
N TYR A 311 1.12 -28.52 8.18
CA TYR A 311 1.37 -27.46 9.14
C TYR A 311 0.34 -27.42 10.25
N ALA A 312 -0.91 -27.71 9.94
CA ALA A 312 -1.91 -27.74 11.00
C ALA A 312 -1.52 -28.80 12.03
N LYS A 313 -1.07 -29.96 11.58
CA LYS A 313 -0.63 -31.02 12.50
C LYS A 313 0.58 -30.55 13.31
N GLN A 314 1.56 -30.00 12.62
CA GLN A 314 2.80 -29.57 13.26
C GLN A 314 2.58 -28.55 14.38
N TYR A 315 1.59 -27.69 14.20
CA TYR A 315 1.35 -26.64 15.19
C TYR A 315 0.15 -26.94 16.08
N GLY A 316 -0.32 -28.19 16.05
CA GLY A 316 -1.35 -28.64 16.96
C GLY A 316 -2.73 -28.09 16.67
N TYR A 317 -3.02 -27.85 15.40
CA TYR A 317 -4.31 -27.31 15.00
C TYR A 317 -5.19 -28.36 14.35
N ALA A 318 -4.71 -29.61 14.28
CA ALA A 318 -5.42 -30.64 13.54
C ALA A 318 -6.17 -31.59 14.46
N GLY A 319 -6.32 -31.18 15.72
CA GLY A 319 -7.05 -31.97 16.70
C GLY A 319 -6.11 -32.63 17.70
N MET B 35 20.41 0.58 -25.75
CA MET B 35 20.85 0.78 -24.37
C MET B 35 19.97 0.02 -23.39
N ASN B 36 20.59 -0.82 -22.57
CA ASN B 36 19.88 -1.51 -21.51
C ASN B 36 19.56 -0.54 -20.38
N GLY B 37 18.60 -0.89 -19.54
CA GLY B 37 18.35 -0.09 -18.36
C GLY B 37 16.93 0.40 -18.27
N ILE B 38 16.58 0.85 -17.07
CA ILE B 38 15.23 1.33 -16.81
C ILE B 38 14.96 2.66 -17.48
N ARG B 39 13.78 2.78 -18.06
CA ARG B 39 13.26 4.04 -18.56
C ARG B 39 12.08 4.41 -17.66
N TRP B 40 12.24 5.44 -16.83
CA TRP B 40 11.15 5.84 -15.96
C TRP B 40 10.16 6.70 -16.74
N ILE B 41 8.88 6.37 -16.63
CA ILE B 41 7.82 7.27 -17.07
C ILE B 41 7.20 7.88 -15.82
N ALA B 42 7.77 8.99 -15.37
CA ALA B 42 7.44 9.56 -14.07
C ALA B 42 6.56 10.80 -14.20
N SER B 43 5.64 10.97 -13.26
CA SER B 43 4.77 12.14 -13.25
C SER B 43 3.97 12.24 -11.95
N TYR B 44 3.57 13.46 -11.62
CA TYR B 44 2.61 13.66 -10.55
C TYR B 44 1.29 13.11 -11.05
N PRO B 45 0.40 12.66 -10.15
CA PRO B 45 -0.86 12.09 -10.66
C PRO B 45 -1.65 12.98 -11.62
N LYS B 46 -2.32 12.35 -12.57
CA LYS B 46 -3.26 13.00 -13.48
C LYS B 46 -2.60 13.91 -14.50
N ALA B 47 -1.34 13.63 -14.83
CA ALA B 47 -0.60 14.48 -15.76
C ALA B 47 -0.51 13.89 -17.18
N GLY B 48 -1.35 12.90 -17.49
CA GLY B 48 -1.39 12.32 -18.83
C GLY B 48 -0.46 11.11 -19.00
N ASN B 49 -0.14 10.48 -17.89
CA ASN B 49 0.78 9.35 -17.87
C ASN B 49 0.25 8.14 -18.65
N THR B 50 -1.01 7.80 -18.43
CA THR B 50 -1.61 6.65 -19.10
C THR B 50 -1.67 6.87 -20.62
N TRP B 51 -1.99 8.10 -21.02
CA TRP B 51 -1.95 8.45 -22.42
C TRP B 51 -0.57 8.13 -23.03
N VAL B 52 0.50 8.66 -22.45
CA VAL B 52 1.84 8.39 -22.98
C VAL B 52 2.15 6.88 -22.99
N ARG B 53 1.69 6.17 -21.95
CA ARG B 53 1.94 4.73 -21.89
C ARG B 53 1.19 4.01 -22.98
N CYS B 54 0.01 4.51 -23.31
CA CYS B 54 -0.77 3.92 -24.39
C CYS B 54 -0.04 4.11 -25.72
N MET B 55 0.34 5.34 -26.01
CA MET B 55 1.16 5.62 -27.19
C MET B 55 2.41 4.75 -27.24
N LEU B 56 3.07 4.58 -26.09
CA LEU B 56 4.27 3.74 -26.06
C LEU B 56 3.94 2.29 -26.41
N ALA B 57 2.84 1.78 -25.86
CA ALA B 57 2.45 0.41 -26.13
C ALA B 57 2.16 0.24 -27.62
N ALA B 58 1.37 1.16 -28.17
CA ALA B 58 1.05 1.13 -29.59
C ALA B 58 2.32 1.16 -30.44
N TYR B 59 3.27 2.01 -30.07
CA TYR B 59 4.52 2.13 -30.82
C TYR B 59 5.37 0.87 -30.75
N ILE B 60 5.60 0.38 -29.53
CA ILE B 60 6.47 -0.79 -29.31
C ILE B 60 5.91 -2.05 -29.98
N THR B 61 4.60 -2.22 -29.88
CA THR B 61 3.96 -3.41 -30.44
C THR B 61 3.53 -3.22 -31.91
N GLY B 62 3.32 -1.96 -32.30
CA GLY B 62 2.77 -1.69 -33.62
C GLY B 62 1.32 -2.17 -33.70
N LYS B 63 0.67 -2.29 -32.54
CA LYS B 63 -0.73 -2.69 -32.47
C LYS B 63 -1.50 -1.69 -31.64
N ALA B 64 -2.63 -1.23 -32.17
CA ALA B 64 -3.48 -0.30 -31.43
C ALA B 64 -3.98 -0.99 -30.16
N PRO B 65 -3.66 -0.43 -28.98
CA PRO B 65 -4.18 -0.99 -27.73
C PRO B 65 -5.70 -1.01 -27.70
N GLN B 66 -6.26 -2.15 -27.32
CA GLN B 66 -7.71 -2.33 -27.31
C GLN B 66 -8.27 -2.35 -25.88
N VAL B 67 -7.46 -2.84 -24.94
CA VAL B 67 -7.83 -2.86 -23.53
C VAL B 67 -6.67 -2.44 -22.62
N TRP B 68 -6.99 -2.10 -21.37
CA TRP B 68 -6.00 -1.63 -20.42
C TRP B 68 -4.80 -2.57 -20.36
N ASN B 69 -5.04 -3.86 -20.49
CA ASN B 69 -3.97 -4.84 -20.41
C ASN B 69 -2.94 -4.70 -21.53
N ASP B 70 -3.37 -4.18 -22.68
CA ASP B 70 -2.44 -3.95 -23.77
C ASP B 70 -1.47 -2.83 -23.39
N ILE B 71 -1.94 -1.86 -22.63
CA ILE B 71 -1.07 -0.79 -22.15
C ILE B 71 -0.13 -1.30 -21.04
N ASP B 72 -0.73 -1.97 -20.07
CA ASP B 72 0.02 -2.46 -18.93
C ASP B 72 1.02 -3.58 -19.28
N ALA B 73 0.78 -4.24 -20.41
CA ALA B 73 1.68 -5.26 -20.93
C ALA B 73 3.04 -4.69 -21.33
N GLU B 74 3.07 -3.40 -21.66
CA GLU B 74 4.25 -2.82 -22.25
C GLU B 74 5.10 -1.99 -21.31
N SER B 75 4.55 -1.67 -20.15
CA SER B 75 5.32 -0.91 -19.17
C SER B 75 4.88 -1.21 -17.74
N LEU B 76 5.86 -1.36 -16.86
CA LEU B 76 5.60 -1.77 -15.49
C LEU B 76 5.15 -0.56 -14.71
N THR B 77 4.45 -0.81 -13.60
CA THR B 77 4.10 0.26 -12.67
C THR B 77 4.74 -0.03 -11.31
N LEU B 78 5.60 0.87 -10.85
CA LEU B 78 6.39 0.63 -9.66
C LEU B 78 5.48 0.30 -8.47
N GLU B 79 4.48 1.14 -8.24
CA GLU B 79 3.64 1.02 -7.06
C GLU B 79 2.79 -0.27 -7.08
N ALA B 80 2.35 -0.68 -8.25
CA ALA B 80 1.62 -1.93 -8.38
C ALA B 80 2.53 -3.11 -7.98
N MET B 81 3.77 -3.10 -8.46
CA MET B 81 4.73 -4.16 -8.16
C MET B 81 5.03 -4.23 -6.66
N LEU B 82 5.24 -3.06 -6.03
CA LEU B 82 5.58 -3.01 -4.61
C LEU B 82 4.50 -3.64 -3.74
N ARG B 83 3.26 -3.49 -4.18
CA ARG B 83 2.13 -4.11 -3.50
C ARG B 83 2.34 -5.61 -3.30
N PHE B 84 3.07 -6.26 -4.20
CA PHE B 84 3.35 -7.69 -4.07
C PHE B 84 4.73 -7.94 -3.46
N GLY B 85 5.41 -6.87 -3.06
CA GLY B 85 6.79 -6.97 -2.64
C GLY B 85 7.71 -7.26 -3.82
N ASP B 86 7.26 -6.92 -5.02
CA ASP B 86 8.07 -7.15 -6.22
C ASP B 86 8.73 -5.84 -6.62
N LEU B 87 9.73 -5.93 -7.50
CA LEU B 87 10.54 -4.77 -7.87
C LEU B 87 11.05 -4.90 -9.30
N PRO B 88 11.17 -3.77 -9.99
CA PRO B 88 11.83 -3.82 -11.29
C PRO B 88 13.27 -4.36 -11.12
N PRO B 89 13.81 -5.02 -12.16
CA PRO B 89 15.16 -5.59 -12.08
C PRO B 89 16.22 -4.51 -11.88
N ALA B 90 17.16 -4.76 -10.97
CA ALA B 90 18.21 -3.79 -10.68
C ALA B 90 19.35 -3.88 -11.68
N GLU B 91 19.41 -4.99 -12.41
CA GLU B 91 20.42 -5.18 -13.45
C GLU B 91 19.79 -5.62 -14.76
N PRO B 92 18.98 -4.74 -15.37
CA PRO B 92 18.19 -5.09 -16.56
C PRO B 92 19.06 -5.40 -17.77
N MET B 93 18.71 -6.47 -18.49
CA MET B 93 19.41 -6.83 -19.72
C MET B 93 18.60 -6.46 -20.96
N GLU B 94 17.82 -5.38 -20.83
CA GLU B 94 17.02 -4.86 -21.94
C GLU B 94 16.37 -3.56 -21.50
N PRO B 95 15.98 -2.72 -22.46
CA PRO B 95 15.22 -1.52 -22.11
C PRO B 95 13.97 -1.91 -21.32
N VAL B 96 13.73 -1.27 -20.18
CA VAL B 96 12.56 -1.58 -19.36
C VAL B 96 11.81 -0.31 -19.01
N LEU B 97 10.55 -0.22 -19.38
CA LEU B 97 9.76 0.95 -19.07
C LEU B 97 9.06 0.74 -17.74
N VAL B 98 9.18 1.71 -16.83
CA VAL B 98 8.48 1.66 -15.54
C VAL B 98 7.83 3.00 -15.19
N LYS B 99 6.53 2.97 -14.93
CA LYS B 99 5.80 4.15 -14.51
C LYS B 99 5.91 4.30 -12.98
N THR B 100 6.02 5.53 -12.50
CA THR B 100 5.84 5.78 -11.08
C THR B 100 5.37 7.21 -10.89
N HIS B 101 4.62 7.44 -9.80
CA HIS B 101 4.25 8.79 -9.36
C HIS B 101 5.10 9.25 -8.16
N LEU B 102 5.85 8.33 -7.57
CA LEU B 102 6.69 8.64 -6.42
C LEU B 102 7.78 9.68 -6.73
N LYS B 103 8.15 10.49 -5.74
CA LYS B 103 9.29 11.38 -5.86
C LYS B 103 10.50 10.54 -6.16
N ALA B 104 11.44 11.08 -6.93
CA ALA B 104 12.63 10.34 -7.33
C ALA B 104 13.55 10.04 -6.16
N ASP B 105 13.35 10.74 -5.05
CA ASP B 105 14.23 10.54 -3.91
C ASP B 105 13.77 9.55 -2.84
N VAL B 106 12.71 8.79 -3.09
CA VAL B 106 12.32 7.82 -2.06
C VAL B 106 13.27 6.63 -2.10
N PRO B 107 13.44 5.93 -0.97
CA PRO B 107 14.42 4.84 -0.92
C PRO B 107 14.27 3.80 -2.04
N VAL B 108 13.05 3.47 -2.44
CA VAL B 108 12.90 2.47 -3.48
C VAL B 108 13.60 2.92 -4.77
N LEU B 109 13.46 4.19 -5.10
CA LEU B 109 14.07 4.69 -6.34
C LEU B 109 15.59 4.69 -6.22
N GLY B 110 16.07 4.82 -4.99
CA GLY B 110 17.49 4.71 -4.69
C GLY B 110 18.15 3.41 -5.11
N LEU B 111 17.35 2.34 -5.26
CA LEU B 111 17.91 1.07 -5.71
C LEU B 111 18.33 1.11 -7.17
N TYR B 112 17.84 2.12 -7.89
CA TYR B 112 17.95 2.13 -9.34
C TYR B 112 18.87 3.20 -9.87
N GLY B 113 19.73 3.71 -8.99
CA GLY B 113 20.71 4.72 -9.32
C GLY B 113 21.57 4.32 -10.50
N GLU B 114 22.07 3.09 -10.50
CA GLU B 114 22.94 2.61 -11.56
C GLU B 114 22.15 2.11 -12.76
N ALA B 115 21.09 1.36 -12.50
CA ALA B 115 20.31 0.72 -13.55
C ALA B 115 19.42 1.69 -14.34
N THR B 116 19.36 2.96 -13.93
CA THR B 116 18.49 3.90 -14.65
C THR B 116 19.16 4.52 -15.88
N ALA B 117 18.54 4.36 -17.03
CA ALA B 117 19.06 4.90 -18.29
C ALA B 117 18.33 6.18 -18.77
N LYS B 118 17.03 6.26 -18.53
CA LYS B 118 16.24 7.39 -19.01
C LYS B 118 15.19 7.77 -18.00
N VAL B 119 14.98 9.07 -17.82
CA VAL B 119 13.84 9.57 -17.07
C VAL B 119 13.01 10.41 -18.03
N LEU B 120 11.79 10.00 -18.28
CA LEU B 120 10.84 10.85 -18.96
C LEU B 120 9.91 11.35 -17.85
N TYR B 121 9.85 12.67 -17.68
CA TYR B 121 8.97 13.26 -16.68
C TYR B 121 7.89 14.09 -17.36
N LEU B 122 6.63 13.81 -17.05
CA LEU B 122 5.53 14.53 -17.63
C LEU B 122 4.98 15.50 -16.59
N VAL B 123 4.73 16.73 -17.02
CA VAL B 123 4.16 17.74 -16.13
C VAL B 123 2.86 18.27 -16.73
N ARG B 124 1.96 18.72 -15.86
CA ARG B 124 0.69 19.27 -16.31
C ARG B 124 0.19 20.35 -15.36
N ASN B 125 -0.58 21.29 -15.89
CA ASN B 125 -1.11 22.39 -15.10
C ASN B 125 -1.75 21.89 -13.80
N PRO B 126 -1.25 22.35 -12.64
CA PRO B 126 -1.84 21.78 -11.41
C PRO B 126 -3.34 22.06 -11.23
N ARG B 127 -3.85 23.13 -11.83
CA ARG B 127 -5.27 23.38 -11.78
C ARG B 127 -6.00 22.15 -12.28
N ASP B 128 -5.50 21.58 -13.37
CA ASP B 128 -6.16 20.51 -14.06
C ASP B 128 -5.92 19.18 -13.38
N MET B 129 -4.74 19.03 -12.77
CA MET B 129 -4.48 17.83 -11.98
C MET B 129 -5.41 17.82 -10.78
N LEU B 130 -5.58 19.00 -10.18
CA LEU B 130 -6.45 19.15 -9.03
C LEU B 130 -7.84 18.65 -9.38
N LEU B 131 -8.42 19.21 -10.43
CA LEU B 131 -9.79 18.87 -10.85
C LEU B 131 -9.94 17.45 -11.36
N SER B 132 -8.94 16.96 -12.09
CA SER B 132 -8.96 15.59 -12.58
C SER B 132 -8.95 14.68 -11.36
N SER B 133 -8.06 14.97 -10.43
CA SER B 133 -7.98 14.19 -9.20
C SER B 133 -9.30 14.24 -8.45
N MET B 134 -9.91 15.41 -8.38
CA MET B 134 -11.17 15.58 -7.67
C MET B 134 -12.26 14.73 -8.34
N ARG B 135 -12.28 14.70 -9.67
CA ARG B 135 -13.26 13.91 -10.41
C ARG B 135 -13.07 12.42 -10.16
N MET B 136 -11.82 11.98 -10.12
CA MET B 136 -11.53 10.56 -9.96
C MET B 136 -11.76 10.10 -8.53
N ALA B 137 -11.81 11.05 -7.60
CA ALA B 137 -12.15 10.75 -6.22
C ALA B 137 -13.67 10.77 -6.04
N SER B 138 -14.38 10.82 -7.17
CA SER B 138 -15.83 10.77 -7.16
C SER B 138 -16.42 11.90 -6.34
N ILE B 139 -15.86 13.10 -6.53
CA ILE B 139 -16.38 14.31 -5.89
C ILE B 139 -17.03 15.20 -6.95
N SER B 140 -18.31 15.52 -6.75
CA SER B 140 -19.05 16.32 -7.70
C SER B 140 -18.76 17.81 -7.55
N ARG B 141 -18.69 18.51 -8.67
CA ARG B 141 -18.43 19.94 -8.67
C ARG B 141 -19.45 20.76 -7.89
N ASP B 142 -20.68 20.26 -7.79
CA ASP B 142 -21.70 21.02 -7.07
C ASP B 142 -21.87 20.60 -5.60
N ASP B 143 -21.17 19.56 -5.17
CA ASP B 143 -21.08 19.27 -3.73
C ASP B 143 -20.12 20.25 -3.08
N VAL B 144 -20.66 21.39 -2.68
CA VAL B 144 -19.86 22.53 -2.25
C VAL B 144 -18.81 22.18 -1.18
N GLU B 145 -19.21 21.41 -0.18
CA GLU B 145 -18.33 21.17 0.96
C GLU B 145 -17.16 20.25 0.63
N LYS B 146 -17.44 19.16 -0.09
CA LYS B 146 -16.41 18.18 -0.41
C LYS B 146 -15.44 18.67 -1.49
N SER B 147 -15.95 19.40 -2.46
CA SER B 147 -15.08 19.89 -3.52
C SER B 147 -14.20 20.99 -2.95
N ARG B 148 -14.79 21.86 -2.14
CA ARG B 148 -14.06 22.94 -1.49
C ARG B 148 -12.99 22.38 -0.58
N ASP B 149 -13.38 21.43 0.27
CA ASP B 149 -12.42 20.80 1.16
C ASP B 149 -11.26 20.18 0.38
N PHE B 150 -11.56 19.52 -0.72
CA PHE B 150 -10.54 18.91 -1.56
C PHE B 150 -9.57 19.94 -2.16
N ALA B 151 -10.12 21.05 -2.64
CA ALA B 151 -9.30 22.10 -3.24
C ALA B 151 -8.43 22.72 -2.17
N ARG B 152 -9.01 23.02 -1.00
CA ARG B 152 -8.25 23.59 0.10
C ARG B 152 -7.05 22.73 0.44
N LYS B 153 -7.27 21.43 0.57
CA LYS B 153 -6.21 20.52 0.93
C LYS B 153 -5.14 20.49 -0.16
N PHE B 154 -5.56 20.54 -1.42
CA PHE B 154 -4.60 20.59 -2.52
C PHE B 154 -3.76 21.84 -2.36
N ILE B 155 -4.42 22.97 -2.12
CA ILE B 155 -3.72 24.25 -1.97
C ILE B 155 -2.82 24.28 -0.74
N ALA B 156 -3.38 23.96 0.43
CA ALA B 156 -2.63 23.95 1.69
C ALA B 156 -1.40 23.05 1.62
N ASN B 157 -1.52 21.94 0.92
CA ASN B 157 -0.45 20.97 0.80
C ASN B 157 0.39 21.10 -0.48
N GLU B 158 0.03 22.07 -1.32
CA GLU B 158 0.71 22.27 -2.60
C GLU B 158 0.78 20.98 -3.39
N GLY B 159 -0.27 20.19 -3.32
CA GLY B 159 -0.27 18.94 -4.05
C GLY B 159 -1.23 17.92 -3.49
N LEU B 160 -0.97 16.67 -3.85
CA LEU B 160 -1.86 15.58 -3.51
C LEU B 160 -1.16 14.62 -2.55
N GLY B 161 -0.08 15.10 -1.94
CA GLY B 161 0.75 14.28 -1.08
C GLY B 161 0.22 14.10 0.34
N TRP B 162 -1.07 14.34 0.50
CA TRP B 162 -1.71 14.18 1.80
C TRP B 162 -2.65 12.99 1.73
N ASN B 163 -3.11 12.70 0.53
CA ASN B 163 -4.12 11.68 0.30
C ASN B 163 -3.65 10.28 0.68
N GLY B 170 -0.37 10.22 -1.08
CA GLY B 170 0.46 9.91 0.06
C GLY B 170 1.81 10.60 0.03
N VAL B 171 2.48 10.60 1.18
CA VAL B 171 3.77 11.29 1.35
C VAL B 171 4.86 10.82 0.37
N GLY B 172 4.63 9.69 -0.29
CA GLY B 172 5.58 9.22 -1.28
C GLY B 172 5.58 10.12 -2.50
N LEU B 173 4.45 10.78 -2.78
CA LEU B 173 4.33 11.68 -3.93
C LEU B 173 5.12 12.96 -3.70
N GLY B 174 5.02 13.47 -2.48
CA GLY B 174 5.51 14.80 -2.17
C GLY B 174 4.49 15.80 -2.65
N SER B 175 4.79 17.08 -2.44
CA SER B 175 4.02 18.14 -3.05
C SER B 175 4.40 18.18 -4.53
N TRP B 176 3.67 18.95 -5.32
CA TRP B 176 3.96 19.03 -6.74
C TRP B 176 5.37 19.56 -6.96
N PRO B 177 5.71 20.69 -6.32
CA PRO B 177 7.09 21.18 -6.45
C PRO B 177 8.13 20.14 -6.03
N GLU B 178 7.91 19.42 -4.93
CA GLU B 178 8.89 18.43 -4.47
C GLU B 178 9.06 17.35 -5.51
N ASN B 179 7.96 16.95 -6.12
CA ASN B 179 8.00 15.88 -7.08
C ASN B 179 8.73 16.36 -8.34
N VAL B 180 8.30 17.51 -8.85
CA VAL B 180 8.93 18.09 -10.04
C VAL B 180 10.45 18.22 -9.81
N ARG B 181 10.82 18.79 -8.68
CA ARG B 181 12.23 19.00 -8.36
C ARG B 181 12.98 17.67 -8.32
N SER B 182 12.38 16.68 -7.67
CA SER B 182 13.04 15.40 -7.45
C SER B 182 13.41 14.74 -8.78
N TRP B 183 12.51 14.82 -9.75
CA TRP B 183 12.72 14.17 -11.04
C TRP B 183 13.49 15.00 -12.08
N THR B 184 13.37 16.32 -12.02
CA THR B 184 13.91 17.16 -13.10
C THR B 184 15.23 17.81 -12.76
N GLU B 185 15.62 17.79 -11.50
CA GLU B 185 16.85 18.46 -11.07
C GLU B 185 17.74 17.55 -10.22
N SER B 186 19.04 17.81 -10.27
CA SER B 186 20.03 16.95 -9.62
C SER B 186 19.93 15.51 -10.10
N SER B 187 19.67 15.35 -11.39
CA SER B 187 19.57 14.04 -12.00
C SER B 187 20.96 13.45 -12.21
N SER B 188 21.95 14.33 -12.29
CA SER B 188 23.34 13.88 -12.34
C SER B 188 23.67 13.14 -11.05
N ASP B 189 22.94 13.49 -9.98
CA ASP B 189 23.15 12.85 -8.67
C ASP B 189 22.35 11.56 -8.54
N ARG B 190 21.01 11.67 -8.59
CA ARG B 190 20.14 10.51 -8.35
C ARG B 190 20.37 9.39 -9.36
N PHE B 191 20.40 9.75 -10.63
CA PHE B 191 20.50 8.78 -11.71
C PHE B 191 21.67 9.14 -12.61
N PRO B 192 22.90 8.89 -12.12
CA PRO B 192 24.14 9.37 -12.76
C PRO B 192 24.30 8.93 -14.21
N ASN B 193 23.66 7.84 -14.61
CA ASN B 193 23.83 7.28 -15.95
C ASN B 193 22.69 7.62 -16.90
N ALA B 194 21.74 8.40 -16.43
CA ALA B 194 20.52 8.64 -17.17
C ALA B 194 20.47 10.02 -17.82
N ASP B 195 19.81 10.08 -18.97
CA ASP B 195 19.41 11.35 -19.55
C ASP B 195 18.00 11.62 -19.05
N VAL B 196 17.60 12.90 -19.03
CA VAL B 196 16.30 13.31 -18.53
C VAL B 196 15.59 14.18 -19.56
N LEU B 197 14.32 13.90 -19.79
CA LEU B 197 13.51 14.74 -20.65
C LEU B 197 12.21 15.08 -19.92
N THR B 198 11.82 16.34 -19.91
CA THR B 198 10.56 16.72 -19.32
C THR B 198 9.63 17.18 -20.43
N MET B 199 8.40 16.71 -20.41
CA MET B 199 7.44 17.16 -21.41
C MET B 199 6.13 17.58 -20.79
N ARG B 200 5.57 18.66 -21.29
CA ARG B 200 4.30 19.13 -20.80
C ARG B 200 3.19 18.35 -21.46
N TYR B 201 2.24 17.93 -20.64
CA TYR B 201 1.02 17.35 -21.10
C TYR B 201 0.45 18.21 -22.20
N GLU B 202 0.43 19.52 -21.95
CA GLU B 202 -0.15 20.48 -22.87
C GLU B 202 0.56 20.52 -24.23
N ASP B 203 1.88 20.33 -24.26
CA ASP B 203 2.58 20.31 -25.54
C ASP B 203 2.28 19.02 -26.30
N LEU B 204 2.11 17.93 -25.56
CA LEU B 204 1.72 16.67 -26.18
C LEU B 204 0.37 16.86 -26.85
N LYS B 205 -0.53 17.52 -26.14
CA LYS B 205 -1.86 17.77 -26.64
C LYS B 205 -1.81 18.64 -27.89
N GLY B 206 -0.91 19.64 -27.89
CA GLY B 206 -0.79 20.59 -28.97
C GLY B 206 -0.22 20.02 -30.26
N ASP B 207 0.71 19.07 -30.15
CA ASP B 207 1.29 18.46 -31.33
C ASP B 207 1.82 17.08 -30.97
N PRO B 208 0.90 16.11 -30.88
CA PRO B 208 1.16 14.74 -30.41
C PRO B 208 2.26 14.08 -31.21
N VAL B 209 2.24 14.25 -32.52
CA VAL B 209 3.19 13.55 -33.37
C VAL B 209 4.61 14.08 -33.16
N ALA B 210 4.77 15.40 -33.26
CA ALA B 210 6.07 15.99 -33.04
C ALA B 210 6.60 15.66 -31.63
N ARG B 211 5.73 15.79 -30.62
CA ARG B 211 6.17 15.58 -29.24
C ARG B 211 6.46 14.10 -28.92
N PHE B 212 5.58 13.20 -29.36
CA PHE B 212 5.78 11.77 -29.08
C PHE B 212 7.02 11.27 -29.81
N SER B 213 7.24 11.79 -31.01
CA SER B 213 8.44 11.46 -31.74
C SER B 213 9.68 11.80 -30.90
N GLU B 214 9.65 12.95 -30.24
CA GLU B 214 10.76 13.34 -29.38
C GLU B 214 10.93 12.38 -28.22
N ILE B 215 9.80 11.96 -27.65
CA ILE B 215 9.80 11.00 -26.55
C ILE B 215 10.44 9.68 -26.98
N VAL B 216 10.00 9.16 -28.12
CA VAL B 216 10.49 7.87 -28.59
C VAL B 216 11.98 7.92 -28.92
N GLU B 217 12.39 8.97 -29.61
CA GLU B 217 13.80 9.23 -29.89
C GLU B 217 14.61 9.25 -28.59
N PHE B 218 14.11 9.98 -27.60
CA PHE B 218 14.77 10.08 -26.29
C PHE B 218 14.87 8.73 -25.58
N LEU B 219 13.80 7.96 -25.59
CA LEU B 219 13.75 6.72 -24.82
C LEU B 219 14.69 5.67 -25.42
N ASP B 220 15.05 5.86 -26.70
CA ASP B 220 16.00 4.96 -27.35
C ASP B 220 15.53 3.53 -27.30
N LEU B 221 14.42 3.24 -27.98
CA LEU B 221 13.82 1.91 -27.97
C LEU B 221 14.31 1.02 -29.11
N GLY B 222 15.44 1.38 -29.71
CA GLY B 222 16.06 0.55 -30.73
C GLY B 222 15.69 0.92 -32.14
N GLY B 223 16.72 1.18 -32.96
CA GLY B 223 16.53 1.49 -34.36
C GLY B 223 16.09 2.91 -34.61
N PRO B 224 16.28 3.39 -35.84
CA PRO B 224 15.79 4.71 -36.21
C PRO B 224 14.29 4.80 -35.99
N VAL B 225 13.81 6.01 -35.77
CA VAL B 225 12.41 6.25 -35.46
C VAL B 225 11.70 6.68 -36.73
N ASP B 226 10.75 5.86 -37.17
CA ASP B 226 9.99 6.13 -38.40
C ASP B 226 8.80 7.00 -38.05
N ILE B 227 8.71 8.16 -38.68
CA ILE B 227 7.65 9.12 -38.37
C ILE B 227 6.27 8.53 -38.64
N GLU B 228 6.16 7.68 -39.66
CA GLU B 228 4.90 7.03 -39.96
C GLU B 228 4.39 6.24 -38.75
N ASP B 229 5.30 5.64 -38.00
CA ASP B 229 4.90 4.81 -36.87
C ASP B 229 4.64 5.63 -35.63
N ILE B 230 5.26 6.79 -35.56
CA ILE B 230 4.92 7.73 -34.50
C ILE B 230 3.47 8.15 -34.75
N ARG B 231 3.18 8.47 -36.01
CA ARG B 231 1.84 8.91 -36.41
C ARG B 231 0.80 7.84 -36.13
N ARG B 232 1.12 6.59 -36.45
CA ARG B 232 0.20 5.49 -36.23
C ARG B 232 -0.01 5.22 -34.74
N ALA B 233 1.05 5.32 -33.94
CA ALA B 233 0.90 5.11 -32.50
C ALA B 233 0.08 6.22 -31.85
N VAL B 234 0.26 7.45 -32.31
CA VAL B 234 -0.55 8.59 -31.85
C VAL B 234 -2.04 8.42 -32.21
N ALA B 235 -2.31 8.02 -33.45
CA ALA B 235 -3.68 7.80 -33.90
C ALA B 235 -4.39 6.72 -33.08
N ALA B 236 -3.67 5.66 -32.75
CA ALA B 236 -4.23 4.58 -31.94
C ALA B 236 -4.52 5.01 -30.51
N SER B 237 -4.06 6.20 -30.12
CA SER B 237 -4.12 6.62 -28.71
C SER B 237 -4.87 7.94 -28.49
N THR B 238 -5.64 8.40 -29.47
CA THR B 238 -6.41 9.63 -29.31
C THR B 238 -7.40 9.49 -28.16
N LEU B 239 -8.01 10.59 -27.76
CA LEU B 239 -9.01 10.52 -26.71
C LEU B 239 -10.11 9.55 -27.12
N GLU B 240 -10.50 9.58 -28.38
CA GLU B 240 -11.60 8.74 -28.83
C GLU B 240 -11.24 7.26 -28.73
N ARG B 241 -10.07 6.91 -29.24
CA ARG B 241 -9.60 5.53 -29.15
C ARG B 241 -9.52 5.07 -27.68
N MET B 242 -9.04 5.95 -26.81
CA MET B 242 -8.90 5.59 -25.40
C MET B 242 -10.25 5.49 -24.67
N ARG B 243 -11.21 6.31 -25.03
CA ARG B 243 -12.55 6.13 -24.50
C ARG B 243 -13.10 4.76 -24.93
N GLU B 244 -12.82 4.37 -26.17
CA GLU B 244 -13.24 3.07 -26.68
C GLU B 244 -12.50 1.96 -25.95
N LEU B 245 -11.23 2.20 -25.68
CA LEU B 245 -10.42 1.25 -24.94
C LEU B 245 -11.01 1.09 -23.55
N GLU B 246 -11.48 2.19 -22.98
CA GLU B 246 -12.05 2.16 -21.65
C GLU B 246 -13.32 1.32 -21.63
N LYS B 247 -14.23 1.62 -22.54
CA LYS B 247 -15.48 0.86 -22.68
C LYS B 247 -15.20 -0.63 -22.92
N ARG B 248 -14.42 -0.90 -23.95
CA ARG B 248 -14.04 -2.27 -24.30
C ARG B 248 -13.46 -3.02 -23.09
N SER B 249 -12.53 -2.40 -22.37
CA SER B 249 -11.96 -2.98 -21.17
C SER B 249 -13.05 -3.31 -20.14
N GLU B 250 -14.03 -2.42 -20.03
CA GLU B 250 -15.09 -2.60 -19.04
C GLU B 250 -16.02 -3.78 -19.36
N GLN B 251 -16.24 -4.04 -20.65
CA GLN B 251 -17.11 -5.15 -21.08
C GLN B 251 -16.41 -6.50 -21.00
N GLN B 252 -15.08 -6.46 -20.87
CA GLN B 252 -14.27 -7.67 -20.79
C GLN B 252 -13.58 -7.74 -19.44
N GLY B 253 -13.63 -6.65 -18.69
CA GLY B 253 -12.83 -6.51 -17.48
C GLY B 253 -11.37 -6.67 -17.84
N GLY B 254 -11.03 -6.25 -19.06
CA GLY B 254 -9.68 -6.41 -19.60
C GLY B 254 -8.63 -5.55 -18.93
N GLY B 255 -8.74 -5.44 -17.60
CA GLY B 255 -7.84 -4.63 -16.82
C GLY B 255 -8.59 -3.46 -16.22
N SER B 256 -7.85 -2.61 -15.53
CA SER B 256 -8.40 -1.38 -14.95
C SER B 256 -7.29 -0.34 -14.95
N PRO B 257 -7.65 0.95 -15.12
CA PRO B 257 -6.65 2.01 -15.23
C PRO B 257 -5.98 2.35 -13.90
N ILE B 258 -6.60 1.96 -12.79
CA ILE B 258 -5.98 2.12 -11.48
C ILE B 258 -5.89 0.77 -10.76
N ARG B 274 -18.63 4.58 -10.92
CA ARG B 274 -17.20 4.75 -11.14
C ARG B 274 -16.90 5.90 -12.10
N PRO B 275 -15.97 6.78 -11.70
CA PRO B 275 -15.54 7.92 -12.54
C PRO B 275 -14.85 7.43 -13.80
N GLN B 276 -15.09 8.08 -14.94
CA GLN B 276 -14.43 7.70 -16.17
C GLN B 276 -12.98 8.19 -16.14
N PHE B 277 -12.04 7.30 -16.47
CA PHE B 277 -10.64 7.68 -16.45
C PHE B 277 -10.29 8.63 -17.59
N VAL B 278 -10.80 8.36 -18.78
CA VAL B 278 -10.57 9.23 -19.93
C VAL B 278 -11.59 10.36 -19.97
N GLY B 279 -11.15 11.57 -19.63
CA GLY B 279 -12.03 12.73 -19.61
C GLY B 279 -11.86 13.60 -20.84
N GLU B 280 -11.76 14.91 -20.63
CA GLU B 280 -11.63 15.86 -21.73
C GLU B 280 -10.24 16.49 -21.89
N GLY B 281 -9.42 16.41 -20.84
CA GLY B 281 -8.08 16.99 -20.89
C GLY B 281 -8.04 18.50 -20.94
N ARG B 282 -9.00 19.15 -20.30
CA ARG B 282 -9.07 20.61 -20.28
C ARG B 282 -7.80 21.29 -19.76
N TYR B 283 -7.64 22.57 -20.08
CA TYR B 283 -6.47 23.34 -19.70
C TYR B 283 -6.79 24.55 -18.84
N ASP B 284 -5.97 24.75 -17.81
CA ASP B 284 -6.00 25.96 -17.00
C ASP B 284 -7.40 26.29 -16.46
N GLN B 285 -8.09 25.27 -15.99
CA GLN B 285 -9.46 25.44 -15.53
C GLN B 285 -9.54 26.36 -14.33
N SER B 286 -10.52 27.24 -14.36
CA SER B 286 -10.79 28.14 -13.25
C SER B 286 -11.24 27.32 -12.07
N LEU B 287 -10.95 27.82 -10.87
CA LEU B 287 -11.44 27.25 -9.64
C LEU B 287 -12.50 28.18 -9.05
N SER B 288 -12.89 29.19 -9.81
CA SER B 288 -13.84 30.18 -9.32
C SER B 288 -15.14 29.54 -8.83
N PHE B 289 -15.55 28.48 -9.50
CA PHE B 289 -16.77 27.80 -9.11
C PHE B 289 -16.70 27.28 -7.66
N LEU B 290 -15.51 26.89 -7.21
CA LEU B 290 -15.33 26.48 -5.81
C LEU B 290 -15.48 27.65 -4.84
N GLY B 291 -15.36 28.87 -5.35
CA GLY B 291 -15.44 30.07 -4.54
C GLY B 291 -14.26 30.97 -4.85
N GLU B 292 -14.45 32.28 -4.73
CA GLU B 292 -13.36 33.19 -5.04
C GLU B 292 -12.22 33.13 -4.02
N ASP B 293 -12.55 32.86 -2.77
CA ASP B 293 -11.50 32.71 -1.75
C ASP B 293 -10.56 31.58 -2.14
N ILE B 294 -11.12 30.51 -2.69
CA ILE B 294 -10.33 29.35 -3.11
C ILE B 294 -9.53 29.62 -4.38
N GLU B 295 -10.16 30.20 -5.40
CA GLU B 295 -9.42 30.61 -6.60
C GLU B 295 -8.33 31.59 -6.22
N SER B 296 -8.65 32.49 -5.32
CA SER B 296 -7.71 33.48 -4.88
C SER B 296 -6.55 32.82 -4.10
N ASP B 297 -6.88 31.85 -3.26
CA ASP B 297 -5.85 31.16 -2.50
C ASP B 297 -4.92 30.43 -3.46
N TYR B 298 -5.50 29.92 -4.55
CA TYR B 298 -4.70 29.20 -5.53
C TYR B 298 -3.78 30.16 -6.26
N GLN B 299 -4.31 31.31 -6.64
CA GLN B 299 -3.52 32.28 -7.37
C GLN B 299 -2.36 32.75 -6.51
N GLU B 300 -2.59 32.88 -5.21
CA GLU B 300 -1.55 33.30 -4.31
C GLU B 300 -0.36 32.35 -4.39
N LEU B 301 -0.64 31.05 -4.53
CA LEU B 301 0.42 30.07 -4.69
C LEU B 301 1.27 30.38 -5.91
N LEU B 302 0.62 30.87 -6.96
CA LEU B 302 1.31 31.12 -8.23
C LEU B 302 2.14 32.38 -8.17
N HIS B 303 1.79 33.28 -7.27
CA HIS B 303 2.35 34.63 -7.33
C HIS B 303 3.50 34.88 -6.36
N GLY B 304 3.87 33.86 -5.60
CA GLY B 304 4.97 33.99 -4.66
C GLY B 304 6.29 33.60 -5.27
N ASP B 305 7.27 33.30 -4.42
CA ASP B 305 8.56 32.78 -4.89
C ASP B 305 8.87 31.43 -4.27
N SER B 306 7.82 30.70 -3.95
CA SER B 306 7.95 29.33 -3.47
C SER B 306 8.27 28.43 -4.65
N GLY B 307 8.57 27.16 -4.34
CA GLY B 307 8.81 26.17 -5.36
C GLY B 307 7.62 25.95 -6.26
N PHE B 308 6.43 26.07 -5.69
CA PHE B 308 5.20 25.87 -6.45
C PHE B 308 5.10 26.95 -7.51
N ALA B 309 5.30 28.19 -7.08
CA ALA B 309 5.24 29.33 -7.99
C ALA B 309 6.31 29.20 -9.06
N LEU B 310 7.51 28.82 -8.63
CA LEU B 310 8.62 28.74 -9.57
C LEU B 310 8.26 27.77 -10.70
N TYR B 311 7.83 26.56 -10.36
CA TYR B 311 7.55 25.58 -11.40
C TYR B 311 6.28 25.90 -12.17
N ALA B 312 5.31 26.52 -11.50
CA ALA B 312 4.12 26.96 -12.23
C ALA B 312 4.51 27.97 -13.33
N LYS B 313 5.36 28.93 -12.98
CA LYS B 313 5.84 29.93 -13.96
C LYS B 313 6.61 29.21 -15.06
N GLN B 314 7.54 28.37 -14.63
CA GLN B 314 8.46 27.72 -15.53
C GLN B 314 7.74 26.94 -16.63
N TYR B 315 6.68 26.25 -16.27
CA TYR B 315 5.96 25.43 -17.23
C TYR B 315 4.72 26.13 -17.79
N GLY B 316 4.65 27.46 -17.60
CA GLY B 316 3.61 28.26 -18.24
C GLY B 316 2.22 28.08 -17.67
N TYR B 317 2.16 27.79 -16.36
CA TYR B 317 0.88 27.54 -15.70
C TYR B 317 0.49 28.70 -14.78
N ALA B 318 1.28 29.78 -14.78
CA ALA B 318 1.06 30.85 -13.82
C ALA B 318 0.18 31.97 -14.40
N GLY B 319 -0.48 31.69 -15.52
CA GLY B 319 -1.37 32.66 -16.15
C GLY B 319 -0.62 33.74 -16.91
N GHP C 1 -23.00 -3.22 13.90
CA GHP C 1 -22.26 -2.27 14.67
C GHP C 1 -20.87 -1.97 14.11
O GHP C 1 -20.72 -1.98 12.89
C1 GHP C 1 -23.06 -1.01 14.94
C2 GHP C 1 -22.91 0.15 14.04
C3 GHP C 1 -23.70 1.37 14.30
C4 GHP C 1 -24.65 1.40 15.42
O4 GHP C 1 -25.39 2.54 15.64
C5 GHP C 1 -24.80 0.23 16.31
C6 GHP C 1 -24.01 -0.98 16.07
OBD 3MY C 2 -16.28 -0.13 20.36
CZ 3MY C 2 -16.56 -0.59 19.08
CE2 3MY C 2 -15.72 -0.23 18.00
CD2 3MY C 2 -16.03 -0.66 16.70
CL 3MY C 2 -14.32 0.75 18.22
CE1 3MY C 2 -17.72 -1.40 18.86
CD1 3MY C 2 -18.02 -1.85 17.56
CG 3MY C 2 -17.19 -1.47 16.47
CB 3MY C 2 -17.51 -1.87 15.05
CA 3MY C 2 -18.58 -1.05 14.38
C 3MY C 2 -18.30 0.45 14.38
O 3MY C 2 -17.48 0.95 13.64
N 3MY C 2 -19.87 -1.36 14.96
N 3FG C 3 -18.96 1.32 15.30
OD1 3FG C 3 -20.52 5.69 11.36
CD1 3FG C 3 -20.75 4.70 12.30
CG1 3FG C 3 -19.65 4.25 13.17
CZ 3FG C 3 -22.09 4.12 12.42
CD2 3FG C 3 -22.34 3.07 13.42
OD2 3FG C 3 -23.62 2.49 13.47
CG2 3FG C 3 -21.29 2.61 14.28
CB 3FG C 3 -19.91 3.24 14.14
CA 3FG C 3 -18.80 2.74 15.06
C 3FG C 3 -18.60 3.59 16.32
O 3FG C 3 -18.39 4.79 16.25
N GHP C 4 -19.15 3.07 17.57
CA GHP C 4 -18.86 3.85 18.77
C GHP C 4 -19.96 4.82 19.17
O GHP C 4 -21.15 4.48 19.14
C1 GHP C 4 -18.47 2.94 19.90
C2 GHP C 4 -17.51 1.88 19.58
C3 GHP C 4 -17.18 0.89 20.65
C4 GHP C 4 -17.83 0.98 21.99
O4 GHP C 4 -17.55 0.06 22.95
C5 GHP C 4 -18.80 2.06 22.29
C6 GHP C 4 -19.15 3.05 21.23
N GHP C 5 -19.54 6.06 19.74
CA GHP C 5 -20.48 6.79 20.56
C GHP C 5 -19.79 7.33 21.76
O GHP C 5 -18.60 7.60 21.65
C1 GHP C 5 -21.22 7.91 19.88
C2 GHP C 5 -20.44 9.04 19.36
C3 GHP C 5 -21.18 10.23 18.80
C4 GHP C 5 -22.65 10.21 18.78
O4 GHP C 5 -23.32 11.31 18.31
C5 GHP C 5 -23.41 9.04 19.34
C6 GHP C 5 -22.72 7.89 19.89
N OMY C 6 -20.50 7.78 22.90
CA OMY C 6 -21.89 7.58 23.04
OCZ OMY C 6 -19.39 2.07 23.54
CE2 OMY C 6 -19.44 4.24 24.61
CE1 OMY C 6 -21.41 3.43 23.24
CZ OMY C 6 -20.07 3.24 23.80
CG OMY C 6 -21.47 5.62 24.28
CD2 OMY C 6 -20.14 5.44 24.83
CD1 OMY C 6 -22.09 4.62 23.48
CB OMY C 6 -22.16 6.95 24.40
CL OMY C 6 -22.18 2.17 22.30
O OMY C 6 -22.08 9.95 22.95
C OMY C 6 -22.63 8.87 22.77
ODE OMY C 6 -21.71 7.71 25.47
N 3FG C 7 -24.03 8.80 22.38
OD1 3FG C 7 -24.99 8.11 17.17
CD1 3FG C 7 -25.61 8.60 18.29
CG1 3FG C 7 -24.83 9.08 19.36
CZ 3FG C 7 -27.11 8.64 18.37
CD2 3FG C 7 -27.76 9.16 19.61
OD2 3FG C 7 -29.13 9.23 19.71
CG2 3FG C 7 -26.95 9.61 20.74
CB 3FG C 7 -25.51 9.57 20.66
CA 3FG C 7 -24.69 9.96 21.85
C 3FG C 7 -25.44 10.72 22.89
O 3FG C 7 -26.01 10.07 23.82
OXT 3FG C 7 -25.65 11.95 22.71
N GHP D 1 -13.13 13.91 21.00
CA GHP D 1 -14.20 12.96 21.22
C GHP D 1 -13.75 11.72 21.98
O GHP D 1 -12.81 11.76 22.74
C1 GHP D 1 -15.48 13.53 21.80
C2 GHP D 1 -15.60 13.68 23.25
C3 GHP D 1 -16.83 14.22 23.82
C4 GHP D 1 -17.93 14.63 22.96
O4 GHP D 1 -19.06 15.14 23.53
C5 GHP D 1 -17.82 14.49 21.49
C6 GHP D 1 -16.60 13.93 20.93
OBD 3MY D 2 -15.51 3.73 25.37
CZ 3MY D 2 -15.20 4.76 24.51
CE2 3MY D 2 -13.96 5.43 24.68
CD2 3MY D 2 -13.67 6.52 23.83
CL 3MY D 2 -12.85 4.95 25.91
CE1 3MY D 2 -16.14 5.15 23.50
CD1 3MY D 2 -15.83 6.23 22.65
CG 3MY D 2 -14.60 6.91 22.82
CB 3MY D 2 -14.29 8.12 21.96
CA 3MY D 2 -14.09 9.42 22.70
C 3MY D 2 -14.67 9.45 24.08
O 3MY D 2 -13.94 9.31 25.06
N 3MY D 2 -14.57 10.52 21.92
N 3FG D 3 -16.09 9.41 24.22
OD1 3FG D 3 -16.58 12.27 29.61
CD1 3FG D 3 -16.65 12.14 28.23
CG1 3FG D 3 -16.62 10.81 27.61
CZ 3FG D 3 -16.78 13.36 27.40
CD2 3FG D 3 -16.88 13.23 25.95
OD2 3FG D 3 -16.98 14.41 25.20
CG2 3FG D 3 -16.86 11.94 25.34
CB 3FG D 3 -16.72 10.70 26.20
CA 3FG D 3 -16.75 9.36 25.50
C 3FG D 3 -18.20 8.92 25.31
O 3FG D 3 -18.83 9.31 24.34
N GHP D 4 -18.85 8.07 26.31
CA GHP D 4 -18.09 7.59 27.47
C GHP D 4 -18.88 7.84 28.74
O GHP D 4 -20.09 7.90 28.71
C1 GHP D 4 -17.68 6.14 27.41
C2 GHP D 4 -16.74 5.68 26.38
C3 GHP D 4 -16.38 4.24 26.31
C4 GHP D 4 -16.97 3.27 27.25
O4 GHP D 4 -16.61 1.97 27.12
C5 GHP D 4 -17.91 3.74 28.29
C6 GHP D 4 -18.30 5.18 28.39
N GHP D 5 -18.14 7.93 29.96
CA GHP D 5 -18.91 7.99 31.19
C GHP D 5 -18.20 7.23 32.25
O GHP D 5 -16.96 7.26 32.23
C1 GHP D 5 -19.20 9.39 31.69
C2 GHP D 5 -18.19 10.45 31.54
C3 GHP D 5 -18.48 11.78 32.16
C4 GHP D 5 -19.76 11.98 32.89
O4 GHP D 5 -20.06 13.18 33.49
C5 GHP D 5 -20.75 10.88 33.02
C6 GHP D 5 -20.48 9.60 32.45
N OMY D 6 -18.90 6.84 33.43
CA OMY D 6 -20.30 6.61 33.51
OCZ OMY D 6 -18.47 2.76 29.10
CE2 OMY D 6 -18.23 3.34 31.40
CE1 OMY D 6 -20.39 3.85 30.16
CZ OMY D 6 -19.03 3.32 30.21
CG OMY D 6 -20.10 4.42 32.53
CD2 OMY D 6 -18.75 3.90 32.56
CD1 OMY D 6 -20.91 4.42 31.34
CB OMY D 6 -20.56 5.14 33.77
CL OMY D 6 -21.32 3.78 28.69
O OMY D 6 -22.08 7.29 34.98
C OMY D 6 -20.96 7.54 34.53
ODE OMY D 6 -19.94 4.73 34.94
N 3FG D 7 -20.13 8.64 35.00
OD1 3FG D 7 -23.10 12.22 32.08
CD1 3FG D 7 -23.07 11.70 33.33
CG1 3FG D 7 -21.92 11.04 33.80
CZ 3FG D 7 -24.27 11.82 34.23
CD2 3FG D 7 -24.22 11.25 35.60
OD2 3FG D 7 -25.32 11.33 36.44
CG2 3FG D 7 -23.03 10.56 36.09
CB 3FG D 7 -21.89 10.43 35.22
CA 3FG D 7 -20.64 9.77 35.77
C 3FG D 7 -20.67 9.61 37.26
O 3FG D 7 -20.92 8.49 37.79
OXT 3FG D 7 -20.32 10.59 37.99
PA PAP E . -3.48 -9.28 13.56
O1A PAP E . -3.08 -8.07 14.36
O2A PAP E . -2.39 -10.19 13.09
O3A PAP E . -4.37 -8.83 12.30
O5' PAP E . -4.47 -10.15 14.48
C5' PAP E . -5.81 -9.76 14.73
C4' PAP E . -6.31 -10.76 15.76
O4' PAP E . -5.54 -10.60 16.96
C3' PAP E . -7.78 -10.57 16.11
O3' PAP E . -8.33 -11.84 16.46
P PAP E . -9.94 -12.16 16.50
O1 PAP E . -10.01 -13.65 16.38
O2 PAP E . -10.41 -11.61 17.83
O3 PAP E . -10.45 -11.40 15.31
C2' PAP E . -7.63 -9.69 17.33
O2' PAP E . -8.80 -9.63 18.15
C1' PAP E . -6.44 -10.33 18.03
N9 PAP E . -5.99 -9.42 19.10
C8 PAP E . -5.96 -8.09 19.05
N7 PAP E . -5.57 -7.59 20.23
C5 PAP E . -5.36 -8.62 21.06
C6 PAP E . -4.92 -8.78 22.46
N6 PAP E . -4.65 -7.69 23.21
N1 PAP E . -4.83 -10.04 22.94
C2 PAP E . -5.12 -11.13 22.21
N3 PAP E . -5.52 -11.06 20.91
C4 PAP E . -5.66 -9.84 20.31
C ACT F . 13.39 -1.74 28.57
O ACT F . 12.75 -0.69 28.76
OXT ACT F . 13.14 -2.69 29.35
CH3 ACT F . 14.42 -1.86 27.48
C ACT G . -28.64 11.63 31.43
O ACT G . -28.19 10.60 30.90
OXT ACT G . -29.88 11.62 31.68
CH3 ACT G . -27.78 12.81 31.77
CL CL H . -23.94 14.12 29.06
PA PAP I . -3.00 10.10 -15.67
O1A PAP I . -1.57 10.54 -15.50
O2A PAP I . -3.85 9.74 -14.47
O3A PAP I . -3.04 8.89 -16.76
O5' PAP I . -3.76 11.20 -16.54
C5' PAP I . -5.17 11.36 -16.44
C4' PAP I . -5.52 12.50 -17.36
O4' PAP I . -5.02 12.25 -18.68
C3' PAP I . -7.01 12.73 -17.44
O3' PAP I . -7.25 14.13 -17.64
P PAP I . -8.67 14.83 -17.28
O1 PAP I . -8.32 16.27 -17.03
O2 PAP I . -9.19 14.07 -16.07
O3 PAP I . -9.47 14.64 -18.55
C2' PAP I . -7.31 12.01 -18.73
O2' PAP I . -8.52 12.46 -19.32
C1' PAP I . -6.11 12.37 -19.59
N9 PAP I . -6.06 11.49 -20.78
C8 PAP I . -6.34 10.16 -20.82
N7 PAP I . -6.24 9.68 -22.09
C5 PAP I . -5.90 10.71 -22.89
C6 PAP I . -5.63 10.90 -24.34
N6 PAP I . -5.72 9.86 -25.20
N1 PAP I . -5.33 12.14 -24.75
C2 PAP I . -5.25 13.18 -23.90
N3 PAP I . -5.47 13.09 -22.57
C4 PAP I . -5.79 11.90 -22.02
#